data_2V76
#
_entry.id   2V76
#
_cell.length_a   76.880
_cell.length_b   100.168
_cell.length_c   67.101
_cell.angle_alpha   90.00
_cell.angle_beta   117.34
_cell.angle_gamma   90.00
#
_symmetry.space_group_name_H-M   'C 1 2 1'
#
loop_
_entity.id
_entity.type
_entity.pdbx_description
1 polymer 'DOCKING PROTEIN 1'
2 non-polymer 'TRIETHYLENE GLYCOL'
3 non-polymer 'SULFATE ION'
4 non-polymer 1,2-ETHANEDIOL
5 non-polymer GLYCEROL
6 water water
#
_entity_poly.entity_id   1
_entity_poly.type   'polypeptide(L)'
_entity_poly.pdbx_seq_one_letter_code
;PLGSQFWVTVQRTEAAERCGLHGSYVLRVEAERLTLLTVGAQSQILEPLLSWPYTLLRRYGRDKVMFSFEAGRRCPSGPG
TFTFQTAQGNDIFQAVETAIHRQKAQG
;
_entity_poly.pdbx_strand_id   A,B,C,D
#
# COMPACT_ATOMS: atom_id res chain seq x y z
N PRO A 1 -6.41 0.97 -2.79
CA PRO A 1 -6.88 2.10 -3.60
C PRO A 1 -5.98 2.45 -4.78
N LEU A 2 -4.73 1.97 -4.77
CA LEU A 2 -3.81 2.29 -5.85
C LEU A 2 -3.88 1.28 -7.01
N GLY A 3 -4.53 0.13 -6.79
CA GLY A 3 -4.67 -0.93 -7.77
C GLY A 3 -4.16 -2.24 -7.18
N SER A 4 -4.39 -3.34 -7.90
CA SER A 4 -4.00 -4.70 -7.39
C SER A 4 -2.49 -4.84 -7.52
N GLN A 5 -1.85 -5.45 -6.53
CA GLN A 5 -0.38 -5.49 -6.46
C GLN A 5 0.10 -6.95 -6.34
N PHE A 6 1.22 -7.26 -6.99
CA PHE A 6 1.71 -8.66 -7.06
C PHE A 6 3.23 -8.71 -6.98
N TRP A 7 3.79 -9.59 -6.16
CA TRP A 7 5.22 -9.76 -6.11
C TRP A 7 5.60 -10.58 -7.32
N VAL A 8 6.62 -10.10 -8.04
CA VAL A 8 7.11 -10.75 -9.24
C VAL A 8 8.65 -10.77 -9.22
N THR A 9 9.24 -11.61 -10.06
CA THR A 9 10.70 -11.65 -10.19
C THR A 9 11.06 -11.49 -11.66
N VAL A 10 11.86 -10.47 -11.98
CA VAL A 10 12.10 -10.18 -13.38
C VAL A 10 12.95 -11.28 -14.07
N GLN A 11 12.66 -11.54 -15.36
CA GLN A 11 13.46 -12.42 -16.17
C GLN A 11 14.32 -11.57 -17.13
N ARG A 12 15.40 -12.13 -17.63
CA ARG A 12 16.31 -11.37 -18.51
CA ARG A 12 16.28 -11.31 -18.48
C ARG A 12 15.66 -11.10 -19.87
N THR A 13 15.54 -9.83 -20.21
CA THR A 13 15.18 -9.42 -21.58
C THR A 13 16.04 -8.19 -21.89
N GLU A 14 16.07 -7.78 -23.15
CA GLU A 14 16.87 -6.60 -23.52
C GLU A 14 16.39 -5.35 -22.74
N ALA A 15 15.08 -5.11 -22.74
CA ALA A 15 14.56 -3.92 -22.09
C ALA A 15 14.77 -3.94 -20.58
N ALA A 16 14.57 -5.11 -19.96
CA ALA A 16 14.80 -5.24 -18.51
C ALA A 16 16.30 -4.94 -18.20
N GLU A 17 17.21 -5.44 -19.04
CA GLU A 17 18.64 -5.21 -18.80
C GLU A 17 18.93 -3.72 -18.93
N ARG A 18 18.38 -3.11 -19.96
CA ARG A 18 18.60 -1.67 -20.20
C ARG A 18 18.15 -0.81 -19.01
N CYS A 19 17.06 -1.25 -18.35
CA CYS A 19 16.45 -0.55 -17.22
C CYS A 19 17.00 -1.02 -15.85
N GLY A 20 17.97 -1.92 -15.85
CA GLY A 20 18.70 -2.32 -14.61
C GLY A 20 17.80 -3.12 -13.66
N LEU A 21 16.85 -3.85 -14.24
CA LEU A 21 15.88 -4.64 -13.45
C LEU A 21 16.46 -6.00 -13.15
N HIS A 22 16.49 -6.34 -11.85
CA HIS A 22 17.04 -7.61 -11.40
C HIS A 22 16.35 -7.99 -10.10
N GLY A 23 16.01 -9.27 -9.94
CA GLY A 23 15.38 -9.64 -8.70
C GLY A 23 13.88 -9.37 -8.58
N SER A 24 13.45 -9.07 -7.35
CA SER A 24 11.98 -9.04 -7.11
CA SER A 24 12.02 -9.05 -6.95
C SER A 24 11.46 -7.64 -6.99
N TYR A 25 10.21 -7.50 -7.42
CA TYR A 25 9.53 -6.21 -7.50
C TYR A 25 8.06 -6.41 -7.21
N VAL A 26 7.38 -5.32 -6.94
CA VAL A 26 5.87 -5.34 -6.99
C VAL A 26 5.40 -4.78 -8.36
N LEU A 27 4.53 -5.52 -9.03
CA LEU A 27 3.90 -4.98 -10.24
C LEU A 27 2.51 -4.60 -9.83
N ARG A 28 2.14 -3.34 -10.06
CA ARG A 28 0.82 -2.87 -9.65
C ARG A 28 -0.01 -2.55 -10.87
N VAL A 29 -1.25 -3.06 -10.88
CA VAL A 29 -2.18 -2.91 -12.01
C VAL A 29 -3.06 -1.73 -11.65
N GLU A 30 -2.73 -0.57 -12.25
CA GLU A 30 -3.48 0.66 -11.93
C GLU A 30 -4.59 0.92 -12.95
N ALA A 31 -5.34 2.02 -12.73
CA ALA A 31 -6.47 2.31 -13.62
C ALA A 31 -6.06 2.45 -15.10
N GLU A 32 -4.90 3.10 -15.34
CA GLU A 32 -4.53 3.44 -16.71
C GLU A 32 -3.11 3.03 -17.10
N ARG A 33 -2.42 2.37 -16.17
CA ARG A 33 -1.03 1.97 -16.39
C ARG A 33 -0.60 0.85 -15.45
N LEU A 34 0.50 0.19 -15.80
CA LEU A 34 1.19 -0.72 -14.89
C LEU A 34 2.31 0.09 -14.25
N THR A 35 2.60 -0.23 -12.99
CA THR A 35 3.73 0.43 -12.34
C THR A 35 4.60 -0.65 -11.70
N LEU A 36 5.91 -0.51 -11.82
CA LEU A 36 6.87 -1.41 -11.15
C LEU A 36 7.45 -0.67 -9.96
N LEU A 37 7.42 -1.32 -8.78
CA LEU A 37 7.90 -0.71 -7.53
C LEU A 37 8.94 -1.60 -6.85
N THR A 38 9.85 -0.98 -6.09
CA THR A 38 10.81 -1.73 -5.28
C THR A 38 10.75 -1.27 -3.84
N VAL A 39 11.32 -2.04 -2.93
CA VAL A 39 11.44 -1.61 -1.54
C VAL A 39 12.57 -0.57 -1.38
N GLY A 40 12.28 0.56 -0.71
CA GLY A 40 13.28 1.59 -0.48
C GLY A 40 14.10 1.40 0.80
N ILE A 45 9.77 1.03 2.48
CA ILE A 45 8.42 1.01 1.86
C ILE A 45 8.55 0.90 0.34
N LEU A 46 7.43 0.76 -0.37
CA LEU A 46 7.45 0.74 -1.85
C LEU A 46 7.72 2.09 -2.53
N GLU A 47 8.68 2.07 -3.46
CA GLU A 47 9.01 3.25 -4.27
C GLU A 47 8.84 2.94 -5.74
N PRO A 48 8.13 3.82 -6.47
CA PRO A 48 7.92 3.50 -7.88
C PRO A 48 9.17 3.74 -8.74
N LEU A 49 9.38 2.85 -9.71
CA LEU A 49 10.50 2.90 -10.63
C LEU A 49 10.12 3.26 -12.06
N LEU A 50 9.11 2.57 -12.61
CA LEU A 50 8.70 2.72 -14.01
C LEU A 50 7.19 2.55 -14.06
N SER A 51 6.56 3.22 -15.01
CA SER A 51 5.14 3.01 -15.31
C SER A 51 4.97 2.96 -16.82
N TRP A 52 4.03 2.12 -17.27
CA TRP A 52 3.73 1.91 -18.67
C TRP A 52 2.21 2.15 -18.84
N PRO A 53 1.81 3.26 -19.50
CA PRO A 53 0.40 3.43 -19.80
C PRO A 53 -0.11 2.29 -20.70
N TYR A 54 -1.31 1.76 -20.39
CA TYR A 54 -1.90 0.72 -21.24
C TYR A 54 -1.92 1.13 -22.72
N THR A 55 -2.17 2.40 -23.00
CA THR A 55 -2.26 2.86 -24.39
C THR A 55 -0.93 2.76 -25.12
N LEU A 56 0.15 2.58 -24.37
CA LEU A 56 1.48 2.53 -25.01
C LEU A 56 2.04 1.10 -25.00
N LEU A 57 1.23 0.13 -24.54
CA LEU A 57 1.60 -1.29 -24.64
C LEU A 57 1.20 -1.89 -25.98
N ARG A 58 2.09 -2.72 -26.53
CA ARG A 58 1.82 -3.46 -27.75
C ARG A 58 0.97 -4.71 -27.55
N ARG A 59 1.25 -5.44 -26.47
CA ARG A 59 0.59 -6.69 -26.17
C ARG A 59 0.98 -7.16 -24.78
N TYR A 60 0.21 -8.09 -24.25
CA TYR A 60 0.58 -8.70 -22.97
C TYR A 60 0.04 -10.14 -22.94
N GLY A 61 0.56 -10.95 -22.01
CA GLY A 61 0.17 -12.36 -21.96
C GLY A 61 0.73 -13.01 -20.71
N ARG A 62 0.41 -14.30 -20.55
CA ARG A 62 0.80 -15.00 -19.33
C ARG A 62 0.74 -16.52 -19.55
N ASP A 63 1.44 -17.24 -18.69
CA ASP A 63 1.16 -18.69 -18.53
C ASP A 63 1.22 -18.98 -17.02
N LYS A 64 1.34 -20.27 -16.65
CA LYS A 64 1.30 -20.66 -15.21
C LYS A 64 2.61 -20.31 -14.47
N VAL A 65 3.59 -19.79 -15.19
CA VAL A 65 4.85 -19.43 -14.51
C VAL A 65 5.29 -18.00 -14.73
N MET A 66 4.59 -17.29 -15.60
CA MET A 66 5.04 -15.90 -15.89
C MET A 66 3.95 -14.96 -16.37
N PHE A 67 4.29 -13.69 -16.34
CA PHE A 67 3.47 -12.61 -16.92
C PHE A 67 4.38 -11.78 -17.75
N SER A 68 3.94 -11.37 -18.95
CA SER A 68 4.84 -10.63 -19.86
C SER A 68 4.07 -9.55 -20.63
N PHE A 69 4.73 -8.43 -20.89
CA PHE A 69 4.12 -7.39 -21.72
C PHE A 69 5.20 -6.75 -22.58
N GLU A 70 4.76 -6.11 -23.67
CA GLU A 70 5.70 -5.43 -24.57
C GLU A 70 5.30 -3.97 -24.62
N ALA A 71 6.27 -3.12 -24.35
CA ALA A 71 6.14 -1.66 -24.34
C ALA A 71 6.50 -1.10 -25.71
N GLY A 72 5.69 -0.13 -26.14
CA GLY A 72 6.05 0.65 -27.33
C GLY A 72 7.13 1.69 -27.06
N ARG A 73 7.53 2.39 -28.12
CA ARG A 73 8.68 3.30 -28.06
C ARG A 73 8.50 4.52 -27.14
N ARG A 74 7.25 4.96 -26.96
CA ARG A 74 6.96 6.15 -26.15
C ARG A 74 6.96 5.94 -24.63
N CYS A 75 7.10 4.69 -24.18
CA CYS A 75 7.21 4.44 -22.72
C CYS A 75 8.53 5.00 -22.19
N PRO A 76 8.53 5.52 -20.94
CA PRO A 76 9.77 6.00 -20.29
C PRO A 76 10.88 4.93 -20.28
N SER A 77 10.49 3.65 -20.18
CA SER A 77 11.46 2.53 -20.22
C SER A 77 12.09 2.32 -21.61
N GLY A 78 11.53 2.94 -22.66
CA GLY A 78 11.87 2.50 -24.00
C GLY A 78 11.08 1.25 -24.35
N PRO A 79 11.13 0.83 -25.62
CA PRO A 79 10.35 -0.26 -26.12
C PRO A 79 10.94 -1.62 -25.69
N GLY A 80 10.12 -2.64 -25.76
CA GLY A 80 10.61 -3.98 -25.56
C GLY A 80 9.79 -4.82 -24.62
N THR A 81 10.31 -6.01 -24.38
CA THR A 81 9.58 -7.03 -23.64
C THR A 81 10.02 -6.98 -22.19
N PHE A 82 9.03 -7.00 -21.30
CA PHE A 82 9.29 -7.19 -19.88
C PHE A 82 8.56 -8.44 -19.43
N THR A 83 9.31 -9.37 -18.85
CA THR A 83 8.74 -10.66 -18.43
C THR A 83 9.09 -10.96 -16.99
N PHE A 84 8.10 -11.47 -16.21
CA PHE A 84 8.28 -11.63 -14.79
C PHE A 84 7.78 -12.99 -14.40
N GLN A 85 8.56 -13.67 -13.57
CA GLN A 85 8.14 -14.94 -13.00
C GLN A 85 7.14 -14.71 -11.88
N THR A 86 6.08 -15.51 -11.91
CA THR A 86 5.00 -15.42 -10.95
C THR A 86 4.07 -16.61 -11.20
N ALA A 87 3.46 -17.12 -10.11
CA ALA A 87 2.40 -18.14 -10.26
C ALA A 87 1.00 -17.49 -10.36
N GLN A 88 0.97 -16.16 -10.39
CA GLN A 88 -0.24 -15.34 -10.41
C GLN A 88 -0.46 -14.68 -11.77
N GLY A 89 0.15 -15.24 -12.82
CA GLY A 89 0.10 -14.62 -14.18
C GLY A 89 -1.34 -14.42 -14.65
N ASN A 90 -2.19 -15.42 -14.43
CA ASN A 90 -3.60 -15.25 -14.89
C ASN A 90 -4.32 -14.18 -14.09
N ASP A 91 -3.99 -14.06 -12.81
CA ASP A 91 -4.59 -13.02 -11.99
C ASP A 91 -4.18 -11.64 -12.45
N ILE A 92 -2.89 -11.48 -12.75
CA ILE A 92 -2.41 -10.19 -13.32
C ILE A 92 -3.06 -9.92 -14.66
N PHE A 93 -3.07 -10.93 -15.51
CA PHE A 93 -3.64 -10.79 -16.84
C PHE A 93 -5.11 -10.34 -16.76
N GLN A 94 -5.90 -11.02 -15.92
CA GLN A 94 -7.31 -10.63 -15.79
C GLN A 94 -7.48 -9.20 -15.26
N ALA A 95 -6.65 -8.81 -14.28
CA ALA A 95 -6.66 -7.47 -13.72
C ALA A 95 -6.38 -6.42 -14.80
N VAL A 96 -5.40 -6.71 -15.65
CA VAL A 96 -5.01 -5.78 -16.74
C VAL A 96 -6.12 -5.72 -17.80
N GLU A 97 -6.63 -6.89 -18.20
CA GLU A 97 -7.73 -6.95 -19.18
C GLU A 97 -8.90 -6.15 -18.69
N THR A 98 -9.22 -6.31 -17.41
CA THR A 98 -10.32 -5.59 -16.80
C THR A 98 -10.14 -4.08 -16.74
N ALA A 99 -8.92 -3.67 -16.37
CA ALA A 99 -8.60 -2.24 -16.23
C ALA A 99 -8.66 -1.64 -17.64
N ILE A 100 -8.14 -2.35 -18.64
CA ILE A 100 -8.20 -1.81 -20.02
C ILE A 100 -9.67 -1.74 -20.50
N HIS A 101 -10.47 -2.72 -20.11
CA HIS A 101 -11.87 -2.73 -20.58
C HIS A 101 -12.63 -1.53 -20.02
N ARG A 102 -12.33 -1.21 -18.76
CA ARG A 102 -12.91 -0.09 -18.02
C ARG A 102 -12.47 1.25 -18.61
N GLN A 103 -11.18 1.35 -18.97
N GLN A 103 -11.19 1.32 -18.97
CA GLN A 103 -10.66 2.53 -19.65
CA GLN A 103 -10.68 2.31 -19.91
C GLN A 103 -11.54 2.91 -20.83
C GLN A 103 -11.01 1.78 -21.30
N SER B 4 4.99 11.97 -3.78
CA SER B 4 4.46 12.44 -5.11
C SER B 4 2.92 12.49 -5.23
N GLN B 5 2.20 11.90 -4.27
CA GLN B 5 0.73 11.87 -4.31
C GLN B 5 0.18 12.49 -3.04
N PHE B 6 -0.88 13.30 -3.18
CA PHE B 6 -1.41 14.06 -2.01
C PHE B 6 -2.95 14.04 -1.98
N TRP B 7 -3.54 13.74 -0.81
CA TRP B 7 -4.98 13.85 -0.69
C TRP B 7 -5.35 15.34 -0.52
N VAL B 8 -6.35 15.81 -1.28
CA VAL B 8 -6.72 17.19 -1.26
C VAL B 8 -8.25 17.28 -1.39
N THR B 9 -8.80 18.46 -1.04
CA THR B 9 -10.25 18.72 -1.21
C THR B 9 -10.48 19.95 -2.08
N VAL B 10 -11.24 19.82 -3.15
CA VAL B 10 -11.32 20.95 -4.09
C VAL B 10 -12.16 22.10 -3.48
N GLN B 11 -11.77 23.31 -3.82
CA GLN B 11 -12.54 24.51 -3.51
CA GLN B 11 -12.46 24.54 -3.50
C GLN B 11 -13.26 24.99 -4.75
N ARG B 12 -14.33 25.71 -4.53
CA ARG B 12 -15.13 26.16 -5.69
C ARG B 12 -14.46 27.33 -6.45
N THR B 13 -14.25 27.10 -7.74
CA THR B 13 -13.81 28.11 -8.72
C THR B 13 -14.58 27.80 -9.99
N GLU B 14 -14.53 28.73 -10.94
CA GLU B 14 -15.30 28.56 -12.16
C GLU B 14 -14.85 27.27 -12.87
N ALA B 15 -13.54 27.06 -13.00
CA ALA B 15 -13.02 25.90 -13.73
C ALA B 15 -13.38 24.59 -13.04
N ALA B 16 -13.25 24.60 -11.71
CA ALA B 16 -13.57 23.39 -10.95
C ALA B 16 -15.09 23.05 -11.12
N GLU B 17 -15.94 24.06 -11.05
CA GLU B 17 -17.38 23.85 -11.26
C GLU B 17 -17.72 23.32 -12.67
N ARG B 18 -17.03 23.90 -13.67
CA ARG B 18 -17.21 23.48 -15.06
C ARG B 18 -16.84 22.01 -15.22
N CYS B 19 -15.80 21.59 -14.47
CA CYS B 19 -15.30 20.18 -14.55
C CYS B 19 -16.02 19.22 -13.58
N GLY B 20 -16.98 19.74 -12.83
CA GLY B 20 -17.79 18.91 -11.95
C GLY B 20 -17.02 18.40 -10.74
N LEU B 21 -15.98 19.13 -10.36
CA LEU B 21 -15.18 18.67 -9.18
C LEU B 21 -15.86 19.04 -7.86
N HIS B 22 -15.84 18.08 -6.96
CA HIS B 22 -16.39 18.30 -5.62
C HIS B 22 -15.70 17.27 -4.71
N GLY B 23 -15.44 17.66 -3.47
CA GLY B 23 -14.98 16.66 -2.46
C GLY B 23 -13.52 16.36 -2.63
N SER B 24 -13.14 15.11 -2.31
CA SER B 24 -11.74 14.75 -2.18
C SER B 24 -11.15 14.01 -3.36
N TYR B 25 -9.86 14.30 -3.60
CA TYR B 25 -9.12 13.75 -4.72
C TYR B 25 -7.69 13.49 -4.33
N VAL B 26 -7.00 12.71 -5.17
CA VAL B 26 -5.54 12.67 -5.08
C VAL B 26 -4.96 13.56 -6.18
N LEU B 27 -4.01 14.41 -5.80
CA LEU B 27 -3.19 15.17 -6.78
C LEU B 27 -1.85 14.48 -6.90
N ARG B 28 -1.49 14.08 -8.12
CA ARG B 28 -0.29 13.28 -8.35
C ARG B 28 0.69 14.14 -9.11
N VAL B 29 1.90 14.30 -8.58
CA VAL B 29 2.92 15.11 -9.25
C VAL B 29 3.74 14.14 -10.10
N GLU B 30 3.66 14.28 -11.42
CA GLU B 30 4.36 13.36 -12.33
C GLU B 30 5.58 14.09 -12.96
N ALA B 31 6.30 13.40 -13.82
CA ALA B 31 7.49 14.01 -14.38
C ALA B 31 7.15 15.22 -15.28
N GLU B 32 6.02 15.16 -15.96
CA GLU B 32 5.66 16.18 -16.97
C GLU B 32 4.31 16.87 -16.75
N ARG B 33 3.56 16.42 -15.74
CA ARG B 33 2.20 16.92 -15.58
C ARG B 33 1.74 16.71 -14.12
N LEU B 34 0.68 17.43 -13.75
CA LEU B 34 -0.09 17.14 -12.56
C LEU B 34 -1.29 16.32 -12.99
N THR B 35 -1.69 15.34 -12.19
CA THR B 35 -2.86 14.55 -12.51
C THR B 35 -3.81 14.51 -11.32
N LEU B 36 -5.12 14.68 -11.60
CA LEU B 36 -6.14 14.56 -10.54
C LEU B 36 -6.87 13.25 -10.66
N LEU B 37 -6.94 12.50 -9.55
CA LEU B 37 -7.54 11.19 -9.51
C LEU B 37 -8.64 11.13 -8.47
N THR B 38 -9.65 10.35 -8.78
CA THR B 38 -10.78 10.12 -7.85
C THR B 38 -10.95 8.62 -7.69
N VAL B 39 -11.66 8.16 -6.66
CA VAL B 39 -11.99 6.70 -6.63
C VAL B 39 -13.12 6.16 -7.59
N GLY B 40 -12.88 5.09 -8.34
CA GLY B 40 -13.88 4.61 -9.33
C GLY B 40 -14.88 3.58 -8.78
N ALA B 41 -16.14 3.57 -9.24
CA ALA B 41 -17.21 2.75 -8.59
C ALA B 41 -16.99 1.24 -8.74
N GLN B 42 -17.16 0.71 -9.95
CA GLN B 42 -16.89 -0.72 -10.20
C GLN B 42 -15.48 -1.16 -9.64
N SER B 43 -14.49 -0.26 -9.72
CA SER B 43 -13.09 -0.58 -9.36
C SER B 43 -12.60 -0.36 -7.92
N GLN B 44 -13.11 0.64 -7.20
CA GLN B 44 -12.58 1.08 -5.86
C GLN B 44 -11.11 1.51 -5.81
N ILE B 45 -10.63 1.95 -6.98
CA ILE B 45 -9.22 2.35 -7.06
C ILE B 45 -9.19 3.75 -7.67
N LEU B 46 -8.06 4.44 -7.48
CA LEU B 46 -7.90 5.78 -8.07
C LEU B 46 -7.99 5.70 -9.60
N GLU B 47 -8.73 6.63 -10.18
CA GLU B 47 -8.85 6.71 -11.63
C GLU B 47 -8.59 8.15 -12.07
N PRO B 48 -7.75 8.33 -13.11
CA PRO B 48 -7.44 9.70 -13.51
C PRO B 48 -8.62 10.39 -14.13
N LEU B 49 -8.78 11.66 -13.77
CA LEU B 49 -9.92 12.47 -14.22
C LEU B 49 -9.42 13.58 -15.15
N LEU B 50 -8.37 14.27 -14.69
CA LEU B 50 -7.83 15.41 -15.45
C LEU B 50 -6.32 15.41 -15.29
N SER B 51 -5.63 15.88 -16.32
CA SER B 51 -4.18 16.12 -16.15
C SER B 51 -3.81 17.45 -16.81
N TRP B 52 -2.79 18.09 -16.25
CA TRP B 52 -2.29 19.40 -16.74
C TRP B 52 -0.78 19.30 -16.95
N PRO B 53 -0.35 19.37 -18.21
CA PRO B 53 1.10 19.47 -18.48
C PRO B 53 1.68 20.71 -17.81
N TYR B 54 2.85 20.58 -17.21
CA TYR B 54 3.49 21.74 -16.56
C TYR B 54 3.66 22.90 -17.53
N THR B 55 3.88 22.56 -18.81
CA THR B 55 4.15 23.60 -19.79
C THR B 55 2.94 24.44 -20.09
N LEU B 56 1.76 23.94 -19.70
CA LEU B 56 0.52 24.64 -19.93
C LEU B 56 -0.05 25.27 -18.63
N LEU B 57 0.73 25.24 -17.54
CA LEU B 57 0.35 25.98 -16.34
C LEU B 57 0.79 27.44 -16.43
N ARG B 58 -0.12 28.37 -16.15
CA ARG B 58 0.25 29.79 -16.12
C ARG B 58 1.04 30.16 -14.85
N ARG B 59 0.65 29.54 -13.72
CA ARG B 59 1.21 29.90 -12.45
C ARG B 59 0.72 28.87 -11.41
N TYR B 60 1.44 28.79 -10.30
CA TYR B 60 0.97 27.94 -9.17
C TYR B 60 1.54 28.51 -7.88
N GLY B 61 0.91 28.11 -6.76
CA GLY B 61 1.30 28.68 -5.49
C GLY B 61 0.59 27.97 -4.37
N ARG B 62 0.87 28.41 -3.15
CA ARG B 62 0.31 27.72 -1.97
C ARG B 62 0.34 28.62 -0.74
N ASP B 63 -0.48 28.24 0.25
CA ASP B 63 -0.32 28.82 1.59
C ASP B 63 -0.47 27.66 2.57
N LYS B 64 -0.62 27.96 3.86
CA LYS B 64 -0.73 26.89 4.89
C LYS B 64 -2.03 26.12 4.83
N VAL B 65 -2.97 26.56 3.99
CA VAL B 65 -4.29 25.88 3.94
C VAL B 65 -4.67 25.40 2.54
N MET B 66 -3.92 25.79 1.49
CA MET B 66 -4.34 25.42 0.13
C MET B 66 -3.13 25.33 -0.86
N PHE B 67 -3.36 24.63 -1.98
CA PHE B 67 -2.47 24.68 -3.13
C PHE B 67 -3.31 25.13 -4.33
N SER B 68 -2.76 25.93 -5.22
CA SER B 68 -3.57 26.50 -6.31
C SER B 68 -2.74 26.60 -7.57
N PHE B 69 -3.40 26.38 -8.69
CA PHE B 69 -2.71 26.65 -9.96
C PHE B 69 -3.67 27.19 -11.00
N GLU B 70 -3.12 27.79 -12.05
CA GLU B 70 -3.95 28.31 -13.12
C GLU B 70 -3.59 27.60 -14.43
N ALA B 71 -4.61 27.03 -15.06
CA ALA B 71 -4.47 26.25 -16.28
C ALA B 71 -4.63 27.19 -17.46
N GLY B 72 -3.81 26.98 -18.47
CA GLY B 72 -4.02 27.70 -19.75
C GLY B 72 -5.12 27.09 -20.61
N ARG B 73 -5.44 27.78 -21.71
CA ARG B 73 -6.56 27.42 -22.57
C ARG B 73 -6.47 26.04 -23.20
N ARG B 74 -5.25 25.55 -23.40
CA ARG B 74 -5.02 24.31 -24.16
C ARG B 74 -5.09 23.07 -23.26
N CYS B 75 -5.34 23.28 -21.98
CA CYS B 75 -5.50 22.13 -21.07
C CYS B 75 -6.85 21.47 -21.35
N PRO B 76 -6.94 20.13 -21.21
CA PRO B 76 -8.26 19.54 -21.48
C PRO B 76 -9.38 20.06 -20.52
N SER B 77 -9.00 20.47 -19.32
CA SER B 77 -9.95 21.11 -18.40
C SER B 77 -10.51 22.44 -18.86
N GLY B 78 -9.85 23.03 -19.84
CA GLY B 78 -10.06 24.45 -20.15
C GLY B 78 -9.32 25.32 -19.16
N PRO B 79 -9.32 26.62 -19.40
CA PRO B 79 -8.50 27.52 -18.61
C PRO B 79 -9.13 27.90 -17.27
N GLY B 80 -8.32 28.34 -16.34
CA GLY B 80 -8.87 28.85 -15.10
C GLY B 80 -8.13 28.34 -13.90
N THR B 81 -8.63 28.74 -12.74
CA THR B 81 -7.96 28.47 -11.48
C THR B 81 -8.50 27.19 -10.89
N PHE B 82 -7.59 26.36 -10.37
CA PHE B 82 -7.95 25.17 -9.57
C PHE B 82 -7.29 25.32 -8.21
N THR B 83 -8.09 25.16 -7.16
CA THR B 83 -7.61 25.39 -5.83
C THR B 83 -8.11 24.28 -4.94
N PHE B 84 -7.18 23.77 -4.12
CA PHE B 84 -7.41 22.57 -3.31
C PHE B 84 -6.99 22.84 -1.90
N GLN B 85 -7.86 22.48 -0.96
CA GLN B 85 -7.52 22.57 0.47
C GLN B 85 -6.59 21.44 0.87
N THR B 86 -5.55 21.80 1.61
CA THR B 86 -4.50 20.85 2.02
C THR B 86 -3.57 21.55 2.98
N ALA B 87 -3.13 20.82 4.02
CA ALA B 87 -2.11 21.34 4.88
C ALA B 87 -0.71 21.04 4.32
N GLN B 88 -0.66 20.42 3.14
CA GLN B 88 0.62 19.99 2.54
C GLN B 88 0.95 20.81 1.31
N GLY B 89 0.40 22.02 1.26
CA GLY B 89 0.56 22.92 0.08
C GLY B 89 2.05 23.15 -0.21
N ASN B 90 2.85 23.35 0.83
CA ASN B 90 4.28 23.58 0.57
C ASN B 90 4.99 22.35 0.02
N ASP B 91 4.64 21.17 0.50
CA ASP B 91 5.16 19.92 -0.03
C ASP B 91 4.79 19.75 -1.50
N ILE B 92 3.53 20.02 -1.84
CA ILE B 92 3.07 19.98 -3.25
C ILE B 92 3.86 20.98 -4.07
N PHE B 93 3.96 22.20 -3.56
CA PHE B 93 4.69 23.27 -4.29
C PHE B 93 6.13 22.86 -4.58
N GLN B 94 6.82 22.36 -3.55
CA GLN B 94 8.23 21.94 -3.73
C GLN B 94 8.36 20.77 -4.70
N ALA B 95 7.43 19.82 -4.63
CA ALA B 95 7.45 18.66 -5.54
C ALA B 95 7.28 19.12 -7.00
N VAL B 96 6.35 20.04 -7.22
CA VAL B 96 6.10 20.58 -8.58
C VAL B 96 7.32 21.37 -9.05
N GLU B 97 7.83 22.22 -8.19
CA GLU B 97 9.03 23.03 -8.56
C GLU B 97 10.21 22.13 -8.96
N THR B 98 10.42 21.08 -8.19
CA THR B 98 11.48 20.09 -8.50
C THR B 98 11.24 19.37 -9.84
N ALA B 99 10.00 18.98 -10.08
CA ALA B 99 9.65 18.26 -11.31
C ALA B 99 9.89 19.16 -12.51
N ILE B 100 9.47 20.40 -12.41
CA ILE B 100 9.63 21.37 -13.50
C ILE B 100 11.11 21.70 -13.73
N HIS B 101 11.88 21.85 -12.64
CA HIS B 101 13.33 22.14 -12.76
C HIS B 101 14.01 21.04 -13.56
N ARG B 102 13.67 19.80 -13.23
CA ARG B 102 14.22 18.64 -13.91
C ARG B 102 13.81 18.53 -15.39
N GLN B 103 12.58 18.94 -15.70
CA GLN B 103 12.03 18.89 -17.04
C GLN B 103 12.75 19.93 -17.90
N LYS B 104 12.96 21.10 -17.32
CA LYS B 104 13.63 22.20 -18.10
C LYS B 104 15.04 21.84 -18.50
N ALA B 105 15.65 20.98 -17.69
CA ALA B 105 16.99 20.43 -17.94
C ALA B 105 17.01 19.55 -19.16
N SER C 4 -13.48 -5.97 19.01
CA SER C 4 -14.59 -4.98 19.20
C SER C 4 -14.51 -3.94 18.05
N GLN C 5 -15.66 -3.66 17.40
CA GLN C 5 -15.74 -2.80 16.18
C GLN C 5 -16.74 -1.66 16.39
N PHE C 6 -16.43 -0.47 15.89
CA PHE C 6 -17.31 0.68 16.12
C PHE C 6 -17.37 1.58 14.89
N TRP C 7 -18.58 2.03 14.54
CA TRP C 7 -18.71 3.00 13.42
C TRP C 7 -18.33 4.36 13.97
N VAL C 8 -17.46 5.08 13.25
CA VAL C 8 -17.02 6.41 13.68
C VAL C 8 -17.03 7.40 12.48
N THR C 9 -16.96 8.69 12.78
CA THR C 9 -16.86 9.72 11.74
C THR C 9 -15.59 10.55 12.00
N VAL C 10 -14.74 10.68 10.99
CA VAL C 10 -13.42 11.29 11.24
C VAL C 10 -13.60 12.80 11.37
N GLN C 11 -12.86 13.40 12.30
CA GLN C 11 -12.83 14.86 12.46
C GLN C 11 -11.56 15.38 11.80
N ARG C 12 -11.55 16.65 11.38
CA ARG C 12 -10.36 17.20 10.69
C ARG C 12 -9.18 17.31 11.65
N THR C 13 -8.11 16.59 11.33
CA THR C 13 -6.78 16.88 11.93
C THR C 13 -5.74 16.80 10.81
N GLU C 14 -4.51 17.21 11.12
CA GLU C 14 -3.47 17.18 10.07
C GLU C 14 -3.22 15.74 9.52
N ALA C 15 -3.07 14.79 10.42
CA ALA C 15 -2.81 13.43 10.02
C ALA C 15 -3.98 12.82 9.23
N ALA C 16 -5.23 13.12 9.62
CA ALA C 16 -6.39 12.59 8.89
C ALA C 16 -6.44 13.16 7.47
N GLU C 17 -6.19 14.46 7.35
CA GLU C 17 -6.18 15.13 6.04
C GLU C 17 -5.12 14.52 5.15
N ARG C 18 -3.95 14.31 5.70
CA ARG C 18 -2.84 13.71 4.98
C ARG C 18 -3.24 12.33 4.43
N CYS C 19 -3.93 11.55 5.26
CA CYS C 19 -4.34 10.19 4.89
C CYS C 19 -5.66 10.15 4.08
N GLY C 20 -6.22 11.32 3.80
CA GLY C 20 -7.42 11.44 2.97
C GLY C 20 -8.69 10.92 3.62
N LEU C 21 -8.73 11.02 4.96
CA LEU C 21 -9.85 10.50 5.66
C LEU C 21 -10.99 11.50 5.72
N HIS C 22 -12.19 11.04 5.34
CA HIS C 22 -13.36 11.92 5.34
C HIS C 22 -14.54 11.00 5.53
N GLY C 23 -15.47 11.38 6.38
CA GLY C 23 -16.69 10.60 6.51
C GLY C 23 -16.62 9.45 7.52
N SER C 24 -17.35 8.37 7.20
CA SER C 24 -17.55 7.25 8.16
C SER C 24 -16.56 6.12 7.94
N TYR C 25 -16.11 5.49 9.04
CA TYR C 25 -15.21 4.35 9.02
C TYR C 25 -15.53 3.44 10.20
N VAL C 26 -15.03 2.23 10.13
CA VAL C 26 -15.05 1.34 11.31
C VAL C 26 -13.66 1.40 11.99
N LEU C 27 -13.67 1.60 13.31
CA LEU C 27 -12.48 1.50 14.11
C LEU C 27 -12.56 0.17 14.86
N ARG C 28 -11.55 -0.68 14.66
CA ARG C 28 -11.55 -2.02 15.24
C ARG C 28 -10.45 -2.14 16.26
N VAL C 29 -10.84 -2.59 17.48
CA VAL C 29 -9.90 -2.70 18.59
C VAL C 29 -9.41 -4.14 18.63
N GLU C 30 -8.16 -4.33 18.26
CA GLU C 30 -7.58 -5.69 18.16
C GLU C 30 -6.61 -5.92 19.31
N ALA C 31 -6.04 -7.12 19.32
CA ALA C 31 -5.22 -7.49 20.47
C ALA C 31 -3.96 -6.64 20.57
N GLU C 32 -3.37 -6.27 19.42
CA GLU C 32 -2.11 -5.55 19.42
C GLU C 32 -2.12 -4.22 18.66
N ARG C 33 -3.25 -3.90 18.04
CA ARG C 33 -3.34 -2.65 17.27
C ARG C 33 -4.79 -2.15 17.15
N LEU C 34 -4.90 -0.88 16.78
CA LEU C 34 -6.15 -0.28 16.28
C LEU C 34 -6.07 -0.36 14.75
N THR C 35 -7.19 -0.69 14.15
CA THR C 35 -7.31 -0.73 12.68
C THR C 35 -8.51 0.11 12.23
N LEU C 36 -8.30 0.92 11.19
CA LEU C 36 -9.38 1.73 10.59
C LEU C 36 -9.73 1.03 9.29
N LEU C 37 -11.01 0.76 9.12
CA LEU C 37 -11.54 0.11 7.91
C LEU C 37 -12.59 0.98 7.24
N THR C 38 -12.74 0.77 5.93
CA THR C 38 -13.75 1.50 5.15
C THR C 38 -14.64 0.47 4.47
N VAL C 39 -15.86 0.85 4.07
CA VAL C 39 -16.73 -0.06 3.33
C VAL C 39 -16.01 -0.57 2.05
N GLY C 40 -16.05 -1.89 1.83
CA GLY C 40 -15.45 -2.56 0.68
C GLY C 40 -16.36 -2.65 -0.54
N ALA C 41 -16.14 -3.69 -1.35
CA ALA C 41 -16.81 -3.82 -2.65
C ALA C 41 -18.32 -3.96 -2.48
N GLN C 42 -18.73 -4.55 -1.35
CA GLN C 42 -20.15 -4.75 -1.03
C GLN C 42 -20.48 -3.99 0.23
N SER C 43 -21.75 -3.62 0.41
CA SER C 43 -22.16 -2.73 1.51
C SER C 43 -21.84 -3.26 2.91
N GLN C 44 -21.70 -4.59 3.01
CA GLN C 44 -21.47 -5.28 4.27
C GLN C 44 -20.01 -5.66 4.54
N ILE C 45 -19.11 -5.36 3.59
CA ILE C 45 -17.68 -5.74 3.66
C ILE C 45 -16.89 -4.54 4.13
N LEU C 46 -15.76 -4.80 4.80
CA LEU C 46 -14.84 -3.76 5.25
C LEU C 46 -13.47 -4.06 4.73
N GLU C 47 -12.75 -3.02 4.27
CA GLU C 47 -11.37 -3.18 3.86
C GLU C 47 -10.52 -2.36 4.79
N PRO C 48 -9.44 -2.96 5.32
CA PRO C 48 -8.54 -2.18 6.18
C PRO C 48 -7.79 -1.11 5.38
N LEU C 49 -7.64 0.06 6.01
CA LEU C 49 -6.96 1.20 5.38
C LEU C 49 -5.68 1.52 6.12
N LEU C 50 -5.78 1.57 7.46
CA LEU C 50 -4.64 1.98 8.31
C LEU C 50 -4.66 1.11 9.56
N SER C 51 -3.48 0.82 10.12
CA SER C 51 -3.35 0.20 11.46
C SER C 51 -2.30 0.90 12.30
N TRP C 52 -2.49 0.86 13.64
CA TRP C 52 -1.54 1.51 14.58
C TRP C 52 -1.33 0.55 15.72
N PRO C 53 -0.12 -0.03 15.79
CA PRO C 53 0.19 -0.88 16.96
C PRO C 53 0.10 -0.08 18.25
N TYR C 54 -0.48 -0.64 19.32
CA TYR C 54 -0.47 0.07 20.60
C TYR C 54 0.88 0.60 21.03
N THR C 55 1.95 -0.16 20.77
CA THR C 55 3.31 0.23 21.15
C THR C 55 3.81 1.53 20.48
N LEU C 56 3.17 1.90 19.37
CA LEU C 56 3.55 3.07 18.59
C LEU C 56 2.62 4.27 18.79
N LEU C 57 1.62 4.11 19.66
CA LEU C 57 0.78 5.23 20.13
C LEU C 57 1.35 6.05 21.27
N ARG C 58 1.21 7.37 21.18
CA ARG C 58 1.72 8.29 22.22
C ARG C 58 0.74 8.43 23.38
N ARG C 59 -0.54 8.45 23.04
CA ARG C 59 -1.63 8.59 24.01
C ARG C 59 -2.96 8.38 23.32
N TYR C 60 -4.01 8.25 24.13
CA TYR C 60 -5.36 8.15 23.61
C TYR C 60 -6.33 8.57 24.69
N GLY C 61 -7.57 8.85 24.29
CA GLY C 61 -8.59 9.25 25.24
C GLY C 61 -9.95 9.39 24.57
N ARG C 62 -10.91 9.85 25.37
CA ARG C 62 -12.30 9.94 24.89
C ARG C 62 -13.14 10.94 25.69
N ASP C 63 -14.27 11.33 25.12
CA ASP C 63 -15.31 11.99 25.89
C ASP C 63 -16.64 11.47 25.37
N LYS C 64 -17.75 12.14 25.73
CA LYS C 64 -19.09 11.63 25.33
C LYS C 64 -19.42 11.82 23.85
N VAL C 65 -18.50 12.44 23.09
CA VAL C 65 -18.76 12.70 21.67
C VAL C 65 -17.66 12.21 20.71
N MET C 66 -16.49 11.83 21.26
CA MET C 66 -15.34 11.47 20.40
C MET C 66 -14.40 10.43 21.06
N PHE C 67 -13.62 9.75 20.21
CA PHE C 67 -12.46 9.01 20.64
C PHE C 67 -11.26 9.59 19.92
N SER C 68 -10.13 9.75 20.60
CA SER C 68 -8.93 10.33 19.90
C SER C 68 -7.66 9.58 20.31
N PHE C 69 -6.71 9.49 19.38
CA PHE C 69 -5.40 8.95 19.69
C PHE C 69 -4.31 9.68 18.93
N GLU C 70 -3.08 9.54 19.41
CA GLU C 70 -1.94 10.18 18.76
C GLU C 70 -0.92 9.11 18.35
N ALA C 71 -0.58 9.07 17.06
CA ALA C 71 0.34 8.09 16.51
C ALA C 71 1.73 8.68 16.59
N GLY C 72 2.72 7.83 16.88
CA GLY C 72 4.13 8.22 16.78
C GLY C 72 4.62 8.12 15.35
N ARG C 73 5.89 8.50 15.13
CA ARG C 73 6.47 8.70 13.78
C ARG C 73 6.66 7.41 12.97
N ARG C 74 6.81 6.29 13.67
CA ARG C 74 6.96 4.99 13.05
C ARG C 74 5.69 4.34 12.53
N CYS C 75 4.55 5.00 12.70
CA CYS C 75 3.28 4.49 12.17
C CYS C 75 3.25 4.74 10.67
N PRO C 76 2.73 3.81 9.87
CA PRO C 76 2.56 4.01 8.42
C PRO C 76 1.75 5.28 8.02
N SER C 77 0.77 5.67 8.84
CA SER C 77 0.02 6.94 8.67
C SER C 77 0.89 8.19 8.86
N GLY C 78 2.05 8.01 9.46
CA GLY C 78 2.84 9.13 9.94
C GLY C 78 2.34 9.57 11.30
N PRO C 79 3.07 10.48 11.96
CA PRO C 79 2.68 10.80 13.33
C PRO C 79 1.50 11.77 13.38
N GLY C 80 0.92 11.94 14.57
CA GLY C 80 -0.07 12.99 14.75
C GLY C 80 -1.38 12.47 15.32
N THR C 81 -2.34 13.36 15.36
CA THR C 81 -3.62 13.08 16.08
C THR C 81 -4.66 12.58 15.11
N PHE C 82 -5.40 11.56 15.56
CA PHE C 82 -6.57 11.07 14.84
C PHE C 82 -7.75 11.15 15.80
N THR C 83 -8.81 11.83 15.36
CA THR C 83 -9.98 12.07 16.22
C THR C 83 -11.24 11.67 15.48
N PHE C 84 -12.14 10.96 16.20
CA PHE C 84 -13.31 10.35 15.54
C PHE C 84 -14.50 10.66 16.39
N GLN C 85 -15.56 11.15 15.75
CA GLN C 85 -16.87 11.37 16.41
C GLN C 85 -17.58 10.02 16.61
N THR C 86 -18.09 9.82 17.82
CA THR C 86 -18.76 8.59 18.22
C THR C 86 -19.35 8.82 19.59
N ALA C 87 -20.52 8.25 19.82
CA ALA C 87 -21.14 8.30 21.16
C ALA C 87 -20.70 7.07 21.98
N GLN C 88 -19.79 6.27 21.42
CA GLN C 88 -19.29 5.03 22.07
C GLN C 88 -17.81 5.15 22.43
N GLY C 89 -17.36 6.39 22.64
CA GLY C 89 -15.93 6.65 22.95
C GLY C 89 -15.47 5.93 24.21
N ASN C 90 -16.33 5.88 25.22
CA ASN C 90 -15.94 5.10 26.42
C ASN C 90 -15.83 3.61 26.15
N ASP C 91 -16.74 3.04 25.35
CA ASP C 91 -16.61 1.64 24.97
C ASP C 91 -15.30 1.38 24.26
N ILE C 92 -14.92 2.27 23.33
CA ILE C 92 -13.65 2.08 22.64
C ILE C 92 -12.48 2.19 23.64
N PHE C 93 -12.51 3.20 24.50
CA PHE C 93 -11.42 3.44 25.46
C PHE C 93 -11.24 2.19 26.37
N GLN C 94 -12.36 1.67 26.87
CA GLN C 94 -12.27 0.50 27.78
C GLN C 94 -11.69 -0.70 27.04
N ALA C 95 -12.09 -0.90 25.76
CA ALA C 95 -11.57 -2.02 24.99
C ALA C 95 -10.07 -1.85 24.72
N VAL C 96 -9.65 -0.64 24.39
CA VAL C 96 -8.25 -0.38 24.15
C VAL C 96 -7.43 -0.63 25.42
N GLU C 97 -7.88 -0.07 26.53
CA GLU C 97 -7.22 -0.30 27.87
C GLU C 97 -7.12 -1.79 28.20
N THR C 98 -8.19 -2.51 27.95
CA THR C 98 -8.25 -3.96 28.24
C THR C 98 -7.26 -4.71 27.35
N ALA C 99 -7.21 -4.37 26.03
CA ALA C 99 -6.24 -5.02 25.11
C ALA C 99 -4.81 -4.73 25.53
N ILE C 100 -4.52 -3.49 25.89
CA ILE C 100 -3.16 -3.09 26.25
C ILE C 100 -2.75 -3.80 27.56
N HIS C 101 -3.67 -3.87 28.52
CA HIS C 101 -3.33 -4.57 29.76
C HIS C 101 -2.97 -6.04 29.49
N ARG C 102 -3.72 -6.67 28.61
CA ARG C 102 -3.49 -8.08 28.25
C ARG C 102 -2.19 -8.27 27.47
N GLN C 103 -1.87 -7.30 26.62
CA GLN C 103 -0.60 -7.26 25.93
C GLN C 103 0.57 -7.17 26.93
N LYS C 104 0.48 -6.26 27.91
CA LYS C 104 1.54 -6.05 28.92
C LYS C 104 1.67 -7.23 29.90
N ALA C 105 0.54 -7.78 30.30
CA ALA C 105 0.51 -9.01 31.13
C ALA C 105 0.65 -10.21 30.20
N SER D 4 14.55 -19.15 20.56
CA SER D 4 13.34 -18.41 20.14
C SER D 4 13.40 -17.78 18.74
N GLN D 5 14.58 -17.38 18.25
CA GLN D 5 14.66 -16.82 16.89
C GLN D 5 15.77 -17.51 16.09
N PHE D 6 15.54 -17.69 14.80
CA PHE D 6 16.40 -18.52 13.96
C PHE D 6 16.56 -17.86 12.58
N TRP D 7 17.81 -17.81 12.11
CA TRP D 7 18.04 -17.42 10.71
C TRP D 7 17.70 -18.56 9.75
N VAL D 8 16.93 -18.24 8.71
CA VAL D 8 16.48 -19.27 7.75
C VAL D 8 16.53 -18.68 6.35
N THR D 9 16.51 -19.56 5.34
CA THR D 9 16.41 -19.10 3.96
C THR D 9 15.16 -19.70 3.30
N VAL D 10 14.36 -18.88 2.62
CA VAL D 10 13.08 -19.38 2.14
C VAL D 10 13.26 -20.23 0.88
N GLN D 11 12.49 -21.30 0.81
CA GLN D 11 12.37 -22.14 -0.39
C GLN D 11 11.16 -21.74 -1.23
N ARG D 12 11.22 -21.99 -2.55
CA ARG D 12 10.12 -21.54 -3.43
C ARG D 12 8.89 -22.43 -3.23
N THR D 13 7.80 -21.82 -2.74
CA THR D 13 6.46 -22.47 -2.73
C THR D 13 5.49 -21.43 -3.27
N GLU D 14 4.26 -21.84 -3.59
CA GLU D 14 3.30 -20.86 -4.15
C GLU D 14 3.06 -19.71 -3.16
N ALA D 15 2.88 -20.04 -1.87
CA ALA D 15 2.59 -19.02 -0.88
C ALA D 15 3.79 -18.09 -0.67
N ALA D 16 5.00 -18.66 -0.64
CA ALA D 16 6.19 -17.78 -0.51
C ALA D 16 6.33 -16.81 -1.68
N GLU D 17 6.08 -17.29 -2.90
CA GLU D 17 6.18 -16.47 -4.11
CA GLU D 17 6.22 -16.46 -4.10
C GLU D 17 5.16 -15.35 -4.07
N ARG D 18 3.92 -15.69 -3.69
CA ARG D 18 2.85 -14.71 -3.61
C ARG D 18 3.21 -13.60 -2.60
N CYS D 19 3.91 -13.97 -1.52
CA CYS D 19 4.32 -13.02 -0.46
C CYS D 19 5.68 -12.33 -0.71
N GLY D 20 6.30 -12.62 -1.84
CA GLY D 20 7.52 -11.91 -2.26
C GLY D 20 8.74 -12.32 -1.47
N LEU D 21 8.69 -13.52 -0.86
CA LEU D 21 9.77 -13.96 0.05
C LEU D 21 10.92 -14.51 -0.78
N HIS D 22 12.12 -14.01 -0.54
CA HIS D 22 13.31 -14.50 -1.23
C HIS D 22 14.49 -14.30 -0.31
N GLY D 23 15.41 -15.26 -0.24
CA GLY D 23 16.65 -15.07 0.55
C GLY D 23 16.41 -15.37 2.03
N SER D 24 17.13 -14.64 2.90
CA SER D 24 17.21 -15.01 4.33
C SER D 24 16.37 -14.08 5.22
N TYR D 25 15.85 -14.68 6.29
CA TYR D 25 14.92 -14.04 7.22
C TYR D 25 15.15 -14.61 8.60
N VAL D 26 14.64 -13.91 9.61
CA VAL D 26 14.56 -14.50 10.95
C VAL D 26 13.14 -15.09 11.16
N LEU D 27 13.07 -16.34 11.61
CA LEU D 27 11.79 -16.93 12.05
C LEU D 27 11.79 -16.92 13.57
N ARG D 28 10.79 -16.27 14.15
CA ARG D 28 10.73 -16.09 15.60
C ARG D 28 9.58 -16.92 16.17
N VAL D 29 9.87 -17.70 17.22
CA VAL D 29 8.89 -18.63 17.77
C VAL D 29 8.39 -17.91 19.02
N GLU D 30 7.15 -17.45 18.95
CA GLU D 30 6.56 -16.63 20.00
C GLU D 30 5.51 -17.43 20.79
N ALA D 31 4.94 -16.81 21.81
CA ALA D 31 3.95 -17.50 22.65
C ALA D 31 2.78 -18.04 21.86
N GLU D 32 2.27 -17.26 20.90
CA GLU D 32 1.02 -17.60 20.23
C GLU D 32 1.12 -17.61 18.70
N ARG D 33 2.34 -17.40 18.19
CA ARG D 33 2.47 -17.35 16.74
C ARG D 33 3.93 -17.47 16.30
N LEU D 34 4.10 -17.72 15.00
CA LEU D 34 5.40 -17.60 14.28
C LEU D 34 5.46 -16.23 13.65
N THR D 35 6.62 -15.59 13.69
CA THR D 35 6.77 -14.32 13.00
C THR D 35 8.03 -14.35 12.11
N LEU D 36 7.87 -13.85 10.89
CA LEU D 36 8.99 -13.73 9.95
C LEU D 36 9.45 -12.28 9.93
N LEU D 37 10.75 -12.07 10.10
CA LEU D 37 11.29 -10.69 10.11
C LEU D 37 12.43 -10.57 9.11
N THR D 38 12.67 -9.34 8.65
CA THR D 38 13.79 -9.06 7.74
C THR D 38 14.63 -7.93 8.32
N VAL D 39 15.85 -7.78 7.81
CA VAL D 39 16.68 -6.62 8.17
C VAL D 39 16.15 -5.32 7.54
N GLY D 40 16.05 -4.27 8.37
CA GLY D 40 15.54 -2.97 7.94
C GLY D 40 16.67 -2.00 7.56
N ALA D 41 16.53 -0.73 7.95
CA ALA D 41 17.45 0.34 7.53
C ALA D 41 18.81 0.32 8.22
N GLN D 42 18.93 -0.46 9.31
CA GLN D 42 20.21 -0.64 10.02
C GLN D 42 20.41 -2.12 10.31
N SER D 43 21.66 -2.60 10.18
CA SER D 43 21.97 -4.05 10.14
C SER D 43 21.51 -4.88 11.36
N GLN D 44 21.31 -4.24 12.51
CA GLN D 44 20.79 -4.96 13.71
C GLN D 44 19.30 -4.77 13.94
N ILE D 45 18.62 -4.13 13.00
CA ILE D 45 17.19 -3.87 13.16
C ILE D 45 16.36 -4.84 12.34
N LEU D 46 15.65 -5.71 13.05
CA LEU D 46 14.67 -6.60 12.45
C LEU D 46 13.31 -5.93 12.38
N GLU D 47 12.63 -6.08 11.26
CA GLU D 47 11.29 -5.53 11.06
C GLU D 47 10.33 -6.66 10.67
N PRO D 48 9.18 -6.74 11.36
CA PRO D 48 8.26 -7.88 11.14
C PRO D 48 7.62 -7.79 9.77
N LEU D 49 7.48 -8.93 9.10
CA LEU D 49 6.90 -8.98 7.78
C LEU D 49 5.58 -9.71 7.81
N LEU D 50 5.56 -10.90 8.43
CA LEU D 50 4.35 -11.75 8.45
C LEU D 50 4.29 -12.45 9.77
N SER D 51 3.07 -12.74 10.24
CA SER D 51 2.88 -13.57 11.43
C SER D 51 1.81 -14.60 11.18
N TRP D 52 1.98 -15.76 11.82
CA TRP D 52 1.01 -16.86 11.68
C TRP D 52 0.65 -17.34 13.07
N PRO D 53 -0.58 -17.01 13.53
CA PRO D 53 -1.02 -17.59 14.81
C PRO D 53 -1.01 -19.13 14.73
N TYR D 54 -0.66 -19.77 15.82
CA TYR D 54 -0.61 -21.22 15.86
C TYR D 54 -1.99 -21.81 15.56
N THR D 55 -3.03 -21.09 15.99
CA THR D 55 -4.45 -21.52 15.77
C THR D 55 -4.79 -21.70 14.27
N LEU D 56 -4.07 -20.98 13.41
CA LEU D 56 -4.37 -20.94 11.95
C LEU D 56 -3.41 -21.80 11.12
N LEU D 57 -2.50 -22.49 11.80
CA LEU D 57 -1.61 -23.44 11.15
C LEU D 57 -2.23 -24.83 11.01
N ARG D 58 -2.19 -25.37 9.81
CA ARG D 58 -2.76 -26.70 9.55
C ARG D 58 -1.82 -27.87 9.97
N ARG D 59 -0.52 -27.65 9.77
CA ARG D 59 0.50 -28.64 10.15
C ARG D 59 1.88 -28.01 10.08
N TYR D 60 2.85 -28.68 10.70
CA TYR D 60 4.25 -28.26 10.60
C TYR D 60 5.16 -29.44 10.80
N GLY D 61 6.41 -29.33 10.32
CA GLY D 61 7.32 -30.45 10.41
C GLY D 61 8.73 -30.00 10.01
N ARG D 62 9.67 -30.93 10.08
CA ARG D 62 11.07 -30.60 9.80
C ARG D 62 11.85 -31.80 9.36
N ASP D 63 13.01 -31.52 8.75
CA ASP D 63 14.01 -32.57 8.59
C ASP D 63 15.39 -31.96 8.88
N LYS D 64 16.48 -32.65 8.53
CA LYS D 64 17.83 -32.12 8.83
C LYS D 64 18.22 -30.94 7.97
N VAL D 65 17.36 -30.61 7.00
CA VAL D 65 17.69 -29.50 6.09
C VAL D 65 16.65 -28.41 5.99
N MET D 66 15.45 -28.65 6.54
CA MET D 66 14.43 -27.60 6.51
C MET D 66 13.40 -27.66 7.69
N PHE D 67 12.62 -26.60 7.76
CA PHE D 67 11.43 -26.50 8.61
C PHE D 67 10.31 -26.05 7.71
N SER D 68 9.12 -26.60 7.86
CA SER D 68 7.98 -26.27 6.97
C SER D 68 6.69 -26.23 7.76
N PHE D 69 5.79 -25.34 7.35
CA PHE D 69 4.42 -25.33 7.95
C PHE D 69 3.39 -24.98 6.93
N GLU D 70 2.13 -25.26 7.21
CA GLU D 70 1.12 -24.92 6.23
C GLU D 70 0.17 -23.96 6.90
N ALA D 71 -0.08 -22.83 6.23
CA ALA D 71 -0.97 -21.80 6.75
C ALA D 71 -2.41 -21.97 6.25
N GLY D 72 -3.35 -21.67 7.16
CA GLY D 72 -4.79 -21.67 6.86
C GLY D 72 -5.16 -20.43 6.08
N ARG D 73 -6.39 -20.38 5.57
CA ARG D 73 -6.85 -19.26 4.77
C ARG D 73 -6.88 -17.89 5.47
N ARG D 74 -7.10 -17.88 6.78
CA ARG D 74 -7.26 -16.65 7.54
C ARG D 74 -5.93 -16.02 7.97
N CYS D 75 -4.82 -16.65 7.61
CA CYS D 75 -3.50 -16.01 7.77
C CYS D 75 -3.37 -14.79 6.86
N PRO D 76 -2.78 -13.68 7.39
CA PRO D 76 -2.47 -12.50 6.56
C PRO D 76 -1.70 -12.83 5.25
N SER D 77 -0.92 -13.90 5.27
CA SER D 77 -0.18 -14.37 4.08
C SER D 77 -1.05 -15.07 3.07
N GLY D 78 -2.27 -15.42 3.48
CA GLY D 78 -3.07 -16.40 2.75
C GLY D 78 -2.59 -17.83 2.95
N PRO D 79 -3.32 -18.82 2.42
CA PRO D 79 -3.05 -20.24 2.70
C PRO D 79 -1.86 -20.83 1.90
N GLY D 80 -1.32 -21.94 2.41
CA GLY D 80 -0.34 -22.69 1.70
C GLY D 80 0.91 -22.97 2.51
N THR D 81 1.89 -23.52 1.82
CA THR D 81 3.05 -24.11 2.45
C THR D 81 4.16 -23.07 2.47
N PHE D 82 4.81 -22.94 3.62
CA PHE D 82 6.03 -22.12 3.76
C PHE D 82 7.14 -23.04 4.21
N THR D 83 8.26 -23.03 3.50
CA THR D 83 9.35 -23.97 3.78
C THR D 83 10.63 -23.17 3.79
N PHE D 84 11.44 -23.40 4.82
CA PHE D 84 12.67 -22.63 5.04
C PHE D 84 13.83 -23.59 5.25
N GLN D 85 14.94 -23.32 4.56
CA GLN D 85 16.19 -24.09 4.73
C GLN D 85 16.90 -23.67 6.00
N THR D 86 17.30 -24.70 6.77
CA THR D 86 17.91 -24.51 8.08
C THR D 86 18.39 -25.86 8.58
N ALA D 87 19.53 -25.84 9.25
CA ALA D 87 20.06 -27.03 9.93
C ALA D 87 19.51 -27.10 11.37
N GLN D 88 18.71 -26.10 11.74
CA GLN D 88 18.07 -26.00 13.08
C GLN D 88 16.61 -26.40 13.11
N GLY D 89 16.15 -27.15 12.12
CA GLY D 89 14.73 -27.49 12.00
C GLY D 89 14.17 -28.25 13.20
N ASN D 90 14.96 -29.14 13.82
CA ASN D 90 14.47 -29.80 15.04
C ASN D 90 14.34 -28.83 16.21
N ASP D 91 15.28 -27.88 16.34
CA ASP D 91 15.15 -26.82 17.35
C ASP D 91 13.90 -25.95 17.17
N ILE D 92 13.64 -25.55 15.92
CA ILE D 92 12.45 -24.75 15.64
C ILE D 92 11.20 -25.59 15.97
N PHE D 93 11.19 -26.83 15.50
CA PHE D 93 10.06 -27.72 15.68
C PHE D 93 9.72 -27.93 17.17
N GLN D 94 10.75 -28.20 17.97
CA GLN D 94 10.56 -28.40 19.41
C GLN D 94 10.05 -27.11 20.07
N ALA D 95 10.61 -25.98 19.68
CA ALA D 95 10.19 -24.68 20.22
C ALA D 95 8.72 -24.43 19.93
N VAL D 96 8.27 -24.72 18.70
CA VAL D 96 6.85 -24.49 18.33
C VAL D 96 5.93 -25.47 19.10
N GLU D 97 6.36 -26.71 19.23
CA GLU D 97 5.57 -27.72 19.93
CA GLU D 97 5.61 -27.74 19.96
C GLU D 97 5.37 -27.29 21.38
N THR D 98 6.45 -26.83 22.01
CA THR D 98 6.40 -26.34 23.38
C THR D 98 5.49 -25.12 23.50
N ALA D 99 5.65 -24.15 22.60
CA ALA D 99 4.79 -22.97 22.58
C ALA D 99 3.32 -23.37 22.49
N ILE D 100 3.01 -24.32 21.60
CA ILE D 100 1.63 -24.74 21.33
C ILE D 100 1.05 -25.45 22.55
N HIS D 101 1.87 -26.32 23.16
CA HIS D 101 1.45 -27.02 24.38
C HIS D 101 1.11 -25.99 25.45
N ARG D 102 2.07 -25.09 25.66
CA ARG D 102 1.95 -23.75 26.22
C ARG D 102 2.89 -23.50 27.38
#